data_8A7N
#
_entry.id   8A7N
#
_cell.length_a   100.392
_cell.length_b   100.392
_cell.length_c   99.194
_cell.angle_alpha   90.000
_cell.angle_beta   90.000
_cell.angle_gamma   120.000
#
_symmetry.space_group_name_H-M   'H 3 2'
#
loop_
_entity.id
_entity.type
_entity.pdbx_description
1 polymer 'T-box transcription factor T'
2 non-polymer 'PHOSPHATE ION'
3 non-polymer N-(3-azanylpropyl)-3-[[(3S)-1-(2-fluorophenyl)-2-oxidanylidene-pyrrolidin-3-yl]amino]-N-methyl-benzamide
4 water water
#
_entity_poly.entity_id   1
_entity_poly.type   'polypeptide(L)'
_entity_poly.pdbx_seq_one_letter_code
;GELRVGLEESELWLRFKELTNEMIVTKNGRRMFPVLKVNVSGLDPNAMYSFLLDFVAADNHRWKYVNGEWVPGGKPEPQA
PSCVYIHPDSPNFGAHWMKAPVSFSKVKLTNKLNGGGQIMLNSLHKYEPRIHIVRVGDPQRMITSHCFPETQFIAVTAYQ
NEEITALKIKYN
;
_entity_poly.pdbx_strand_id   A
#
# COMPACT_ATOMS: atom_id res chain seq x y z
N GLU A 2 -7.67 -11.25 19.60
CA GLU A 2 -7.52 -10.04 20.39
C GLU A 2 -7.03 -8.88 19.51
N LEU A 3 -5.90 -9.06 18.81
CA LEU A 3 -5.42 -8.02 17.88
C LEU A 3 -6.29 -8.00 16.63
N ARG A 4 -6.81 -6.83 16.28
CA ARG A 4 -7.65 -6.67 15.09
C ARG A 4 -7.23 -5.44 14.32
N VAL A 5 -6.93 -5.60 13.02
CA VAL A 5 -6.58 -4.51 12.13
C VAL A 5 -7.60 -4.52 11.00
N GLY A 6 -8.43 -3.49 10.94
CA GLY A 6 -9.51 -3.41 9.95
C GLY A 6 -9.27 -2.29 8.96
N LEU A 7 -9.58 -2.56 7.69
CA LEU A 7 -9.44 -1.52 6.66
C LEU A 7 -10.54 -0.49 6.83
N GLU A 8 -10.17 0.79 6.82
CA GLU A 8 -11.14 1.88 6.79
C GLU A 8 -11.56 2.13 5.34
N GLU A 9 -12.78 2.66 5.18
CA GLU A 9 -13.29 3.03 3.85
C GLU A 9 -13.15 1.90 2.85
N SER A 10 -13.48 0.69 3.33
CA SER A 10 -13.34 -0.48 2.47
C SER A 10 -14.29 -0.45 1.27
N GLU A 11 -15.45 0.19 1.42
CA GLU A 11 -16.35 0.30 0.27
C GLU A 11 -15.71 1.11 -0.84
N LEU A 12 -14.99 2.17 -0.48
CA LEU A 12 -14.37 3.03 -1.48
C LEU A 12 -13.23 2.32 -2.22
N TRP A 13 -12.42 1.56 -1.50
CA TRP A 13 -11.40 0.73 -2.15
C TRP A 13 -12.05 -0.27 -3.10
N LEU A 14 -13.18 -0.85 -2.70
CA LEU A 14 -13.83 -1.86 -3.53
C LEU A 14 -14.42 -1.26 -4.81
N ARG A 15 -14.70 0.04 -4.83
CA ARG A 15 -15.16 0.69 -6.06
C ARG A 15 -14.02 0.80 -7.06
N PHE A 16 -12.82 1.11 -6.57
CA PHE A 16 -11.64 1.11 -7.43
C PHE A 16 -11.28 -0.32 -7.82
N LYS A 17 -11.34 -1.26 -6.87
CA LYS A 17 -10.93 -2.61 -7.22
C LYS A 17 -11.87 -3.20 -8.26
N GLU A 18 -13.14 -2.83 -8.23
CA GLU A 18 -14.07 -3.32 -9.25
C GLU A 18 -13.61 -2.96 -10.66
N LEU A 19 -12.97 -1.81 -10.82
CA LEU A 19 -12.47 -1.35 -12.11
C LEU A 19 -11.08 -1.87 -12.44
N THR A 20 -10.41 -2.51 -11.47
CA THR A 20 -8.98 -2.75 -11.41
C THR A 20 -8.28 -1.45 -11.09
N ASN A 21 -7.81 -1.35 -9.85
CA ASN A 21 -7.26 -0.11 -9.33
C ASN A 21 -5.89 0.14 -9.95
N GLU A 22 -5.57 1.42 -10.14
CA GLU A 22 -4.28 1.82 -10.68
C GLU A 22 -3.69 2.89 -9.78
N MET A 23 -2.36 2.89 -9.61
CA MET A 23 -1.68 3.94 -8.87
C MET A 23 -0.52 4.45 -9.71
N ILE A 24 -0.41 5.77 -9.85
CA ILE A 24 0.64 6.37 -10.66
C ILE A 24 1.97 6.35 -9.91
N VAL A 25 3.05 5.98 -10.60
CA VAL A 25 4.42 6.09 -10.10
C VAL A 25 5.16 7.15 -10.91
N THR A 26 6.02 7.93 -10.25
CA THR A 26 6.80 8.94 -10.95
C THR A 26 8.24 8.92 -10.47
N LYS A 27 9.08 9.64 -11.21
CA LYS A 27 10.47 9.84 -10.81
C LYS A 27 10.55 10.40 -9.39
N ASN A 28 9.74 11.41 -9.09
CA ASN A 28 9.79 12.10 -7.80
C ASN A 28 8.89 11.47 -6.74
N GLY A 29 7.93 10.63 -7.13
CA GLY A 29 7.08 9.96 -6.17
C GLY A 29 5.69 10.57 -6.09
N ARG A 30 4.66 9.72 -5.97
N ARG A 30 4.67 9.72 -6.00
CA ARG A 30 3.28 10.17 -5.97
CA ARG A 30 3.28 10.16 -5.96
C ARG A 30 2.52 9.51 -4.83
C ARG A 30 2.56 9.51 -4.80
N ARG A 31 1.80 10.32 -4.06
CA ARG A 31 0.98 9.78 -2.97
C ARG A 31 -0.21 9.00 -3.53
N MET A 32 -0.68 8.04 -2.75
CA MET A 32 -1.75 7.16 -3.18
C MET A 32 -3.13 7.80 -2.99
N PHE A 33 -4.06 7.42 -3.86
CA PHE A 33 -5.49 7.69 -3.61
C PHE A 33 -6.25 6.46 -4.10
N PRO A 34 -7.11 5.86 -3.25
CA PRO A 34 -7.31 6.25 -1.85
C PRO A 34 -6.05 6.12 -1.00
N VAL A 35 -6.10 6.75 0.16
CA VAL A 35 -5.07 6.59 1.16
C VAL A 35 -5.39 5.35 1.98
N LEU A 36 -4.35 4.57 2.30
CA LEU A 36 -4.53 3.38 3.11
C LEU A 36 -4.68 3.81 4.56
N LYS A 37 -5.78 3.42 5.19
CA LYS A 37 -6.06 3.75 6.59
C LYS A 37 -6.65 2.53 7.27
N VAL A 38 -6.20 2.25 8.50
CA VAL A 38 -6.65 1.08 9.25
C VAL A 38 -7.00 1.50 10.67
N ASN A 39 -7.95 0.77 11.26
CA ASN A 39 -8.25 0.90 12.68
C ASN A 39 -7.64 -0.29 13.37
N VAL A 40 -7.22 -0.10 14.61
CA VAL A 40 -6.43 -1.11 15.33
C VAL A 40 -7.01 -1.25 16.73
N SER A 41 -7.23 -2.49 17.17
CA SER A 41 -7.57 -2.75 18.56
C SER A 41 -6.81 -4.00 19.02
N GLY A 42 -6.68 -4.13 20.34
CA GLY A 42 -6.03 -5.31 20.90
C GLY A 42 -4.53 -5.24 21.05
N LEU A 43 -3.92 -4.08 20.84
CA LEU A 43 -2.56 -3.86 21.29
C LEU A 43 -2.55 -3.55 22.78
N ASP A 44 -1.36 -3.63 23.38
CA ASP A 44 -1.21 -3.23 24.78
C ASP A 44 -1.12 -1.71 24.81
N PRO A 45 -2.11 -1.01 25.37
CA PRO A 45 -2.07 0.46 25.32
C PRO A 45 -0.81 1.02 25.93
N ASN A 46 -0.21 0.29 26.87
CA ASN A 46 0.98 0.76 27.56
C ASN A 46 2.26 0.51 26.77
N ALA A 47 2.25 -0.42 25.83
CA ALA A 47 3.49 -0.78 25.13
C ALA A 47 3.72 0.19 23.97
N MET A 48 4.93 0.17 23.40
CA MET A 48 5.26 0.99 22.24
C MET A 48 5.46 0.11 21.02
N TYR A 49 5.00 0.61 19.88
CA TYR A 49 5.06 -0.14 18.64
C TYR A 49 5.43 0.80 17.51
N SER A 50 6.05 0.22 16.49
CA SER A 50 6.20 0.89 15.20
C SER A 50 5.30 0.23 14.15
N PHE A 51 4.77 1.06 13.25
CA PHE A 51 3.97 0.59 12.13
C PHE A 51 4.75 0.77 10.85
N LEU A 52 4.82 -0.29 10.06
CA LEU A 52 5.59 -0.34 8.82
C LEU A 52 4.68 -0.75 7.67
N LEU A 53 5.02 -0.31 6.45
CA LEU A 53 4.23 -0.61 5.26
C LEU A 53 5.16 -1.04 4.13
N ASP A 54 4.82 -2.13 3.46
CA ASP A 54 5.49 -2.53 2.22
C ASP A 54 4.44 -3.03 1.23
N PHE A 55 4.91 -3.41 0.04
CA PHE A 55 4.05 -3.73 -1.08
C PHE A 55 4.50 -5.05 -1.67
N VAL A 56 3.60 -6.02 -1.71
CA VAL A 56 3.92 -7.39 -2.10
C VAL A 56 3.47 -7.58 -3.55
N ALA A 57 4.36 -8.08 -4.39
CA ALA A 57 4.01 -8.35 -5.78
C ALA A 57 3.04 -9.51 -5.85
N ALA A 58 1.99 -9.37 -6.67
CA ALA A 58 0.92 -10.36 -6.65
C ALA A 58 1.03 -11.47 -7.69
N ASP A 59 1.76 -11.29 -8.80
CA ASP A 59 1.75 -12.28 -9.86
C ASP A 59 3.15 -12.56 -10.37
N ASN A 60 3.27 -13.65 -11.11
N ASN A 60 3.29 -13.66 -11.11
CA ASN A 60 4.50 -13.99 -11.83
CA ASN A 60 4.54 -13.96 -11.81
C ASN A 60 4.49 -13.48 -13.26
C ASN A 60 4.51 -13.46 -13.26
N HIS A 61 3.78 -12.38 -13.53
CA HIS A 61 3.71 -11.81 -14.87
C HIS A 61 3.27 -10.36 -14.72
N ARG A 62 3.50 -9.58 -15.77
CA ARG A 62 3.03 -8.21 -15.74
C ARG A 62 1.69 -8.12 -16.47
N TRP A 63 1.15 -6.91 -16.54
CA TRP A 63 -0.20 -6.70 -17.06
C TRP A 63 -0.16 -5.71 -18.21
N LYS A 64 -1.22 -5.71 -18.99
CA LYS A 64 -1.37 -4.81 -20.12
C LYS A 64 -2.84 -4.51 -20.26
N TYR A 65 -3.16 -3.28 -20.62
CA TYR A 65 -4.55 -2.86 -20.80
C TYR A 65 -4.81 -2.88 -22.30
N VAL A 66 -5.69 -3.78 -22.73
CA VAL A 66 -5.90 -4.05 -24.16
C VAL A 66 -7.38 -4.12 -24.42
N ASN A 67 -7.88 -3.28 -25.33
CA ASN A 67 -9.30 -3.27 -25.68
C ASN A 67 -10.16 -3.09 -24.44
N GLY A 68 -9.74 -2.18 -23.57
CA GLY A 68 -10.49 -1.87 -22.36
C GLY A 68 -10.47 -2.92 -21.27
N GLU A 69 -9.57 -3.90 -21.33
CA GLU A 69 -9.44 -4.95 -20.33
C GLU A 69 -7.99 -5.14 -19.93
N TRP A 70 -7.77 -5.45 -18.67
CA TRP A 70 -6.44 -5.84 -18.23
C TRP A 70 -6.24 -7.32 -18.54
N VAL A 71 -5.11 -7.64 -19.17
CA VAL A 71 -4.78 -9.02 -19.52
C VAL A 71 -3.31 -9.26 -19.20
N PRO A 72 -2.92 -10.51 -19.00
CA PRO A 72 -1.49 -10.78 -18.81
C PRO A 72 -0.70 -10.19 -19.96
N GLY A 73 0.37 -9.47 -19.61
CA GLY A 73 1.05 -8.64 -20.59
C GLY A 73 2.53 -8.97 -20.75
N GLY A 74 2.94 -10.11 -20.24
CA GLY A 74 4.30 -10.52 -20.45
C GLY A 74 4.97 -11.05 -19.21
N LYS A 75 6.24 -11.41 -19.38
CA LYS A 75 7.09 -11.83 -18.29
C LYS A 75 7.32 -10.68 -17.33
N PRO A 76 7.46 -10.96 -16.04
CA PRO A 76 7.71 -9.88 -15.08
C PRO A 76 9.12 -9.34 -15.22
N GLU A 77 9.30 -8.13 -14.72
CA GLU A 77 10.62 -7.59 -14.57
C GLU A 77 11.19 -8.08 -13.25
N PRO A 78 12.51 -8.12 -13.11
CA PRO A 78 13.10 -8.54 -11.82
C PRO A 78 12.48 -7.79 -10.65
N GLN A 79 12.26 -8.50 -9.56
CA GLN A 79 11.50 -7.96 -8.45
C GLN A 79 12.07 -6.64 -7.97
N ALA A 80 11.16 -5.71 -7.65
CA ALA A 80 11.54 -4.44 -7.05
C ALA A 80 12.26 -4.68 -5.73
N PRO A 81 13.16 -3.79 -5.32
CA PRO A 81 13.81 -3.94 -4.01
C PRO A 81 12.79 -3.82 -2.88
N SER A 82 13.02 -4.60 -1.82
CA SER A 82 12.12 -4.57 -0.67
C SER A 82 12.23 -3.26 0.10
N CYS A 83 11.50 -2.25 -0.35
CA CYS A 83 11.44 -0.96 0.34
C CYS A 83 10.37 -1.04 1.43
N VAL A 84 10.69 -0.49 2.60
CA VAL A 84 9.73 -0.43 3.69
C VAL A 84 9.52 1.01 4.07
N TYR A 85 8.27 1.37 4.34
CA TYR A 85 7.91 2.70 4.79
C TYR A 85 7.56 2.64 6.27
N ILE A 86 8.21 3.48 7.07
CA ILE A 86 7.95 3.55 8.51
C ILE A 86 6.94 4.65 8.75
N HIS A 87 5.84 4.33 9.41
CA HIS A 87 4.83 5.36 9.66
C HIS A 87 5.45 6.46 10.52
N PRO A 88 5.30 7.73 10.15
CA PRO A 88 6.04 8.79 10.86
C PRO A 88 5.68 8.91 12.34
N ASP A 89 4.56 8.36 12.79
CA ASP A 89 4.28 8.41 14.23
C ASP A 89 5.13 7.44 15.02
N SER A 90 5.88 6.55 14.35
CA SER A 90 6.65 5.51 15.02
C SER A 90 7.88 6.08 15.74
N PRO A 91 8.29 5.49 16.89
CA PRO A 91 7.56 4.52 17.69
C PRO A 91 6.51 5.22 18.55
N ASN A 92 5.44 4.54 18.95
CA ASN A 92 4.44 5.21 19.77
C ASN A 92 3.66 4.20 20.59
N PHE A 93 2.94 4.70 21.60
CA PHE A 93 2.19 3.83 22.48
C PHE A 93 1.07 3.12 21.73
N GLY A 94 0.76 1.91 22.20
CA GLY A 94 -0.47 1.28 21.76
C GLY A 94 -1.66 2.20 21.83
N ALA A 95 -1.76 2.97 22.92
CA ALA A 95 -2.89 3.89 23.06
C ALA A 95 -2.96 4.88 21.89
N HIS A 96 -1.79 5.34 21.42
CA HIS A 96 -1.74 6.25 20.28
C HIS A 96 -2.31 5.61 19.02
N TRP A 97 -1.86 4.39 18.72
CA TRP A 97 -2.31 3.75 17.49
C TRP A 97 -3.79 3.39 17.53
N MET A 98 -4.36 3.18 18.71
CA MET A 98 -5.72 2.69 18.81
C MET A 98 -6.76 3.81 18.96
N LYS A 99 -6.33 5.04 19.22
CA LYS A 99 -7.30 6.09 19.52
C LYS A 99 -7.94 6.69 18.28
N ALA A 100 -7.38 6.43 17.10
CA ALA A 100 -7.88 6.98 15.85
C ALA A 100 -7.23 6.22 14.72
N PRO A 101 -7.88 6.14 13.56
CA PRO A 101 -7.32 5.33 12.46
C PRO A 101 -5.90 5.75 12.10
N VAL A 102 -5.11 4.75 11.70
CA VAL A 102 -3.72 4.95 11.31
C VAL A 102 -3.67 5.17 9.81
N SER A 103 -3.15 6.31 9.41
CA SER A 103 -3.23 6.72 8.01
C SER A 103 -1.85 6.84 7.40
N PHE A 104 -1.66 6.22 6.24
CA PHE A 104 -0.38 6.26 5.56
C PHE A 104 -0.43 7.30 4.45
N SER A 105 -0.82 8.51 4.85
CA SER A 105 -1.16 9.53 3.88
C SER A 105 0.04 10.05 3.11
N LYS A 106 1.25 9.90 3.65
CA LYS A 106 2.45 10.56 3.11
C LYS A 106 3.32 9.64 2.26
N VAL A 107 3.06 8.34 2.23
CA VAL A 107 3.91 7.46 1.44
C VAL A 107 3.77 7.84 -0.03
N LYS A 108 4.89 7.79 -0.76
CA LYS A 108 4.95 8.09 -2.18
C LYS A 108 5.50 6.89 -2.95
N LEU A 109 4.87 6.59 -4.08
CA LEU A 109 5.29 5.49 -4.93
C LEU A 109 6.10 6.05 -6.10
N THR A 110 7.22 5.41 -6.41
CA THR A 110 8.11 5.87 -7.48
C THR A 110 8.52 4.71 -8.36
N ASN A 111 8.90 5.03 -9.60
CA ASN A 111 9.56 4.07 -10.48
C ASN A 111 11.05 4.35 -10.61
N LYS A 112 11.62 5.10 -9.67
CA LYS A 112 13.03 5.47 -9.69
C LYS A 112 13.51 5.47 -8.25
N LEU A 113 14.52 4.65 -7.94
CA LEU A 113 15.11 4.72 -6.61
C LEU A 113 15.91 6.00 -6.52
N ASN A 114 15.33 7.01 -5.86
CA ASN A 114 16.03 8.26 -5.59
C ASN A 114 15.67 8.76 -4.19
N GLY A 115 15.83 7.87 -3.21
CA GLY A 115 15.69 8.21 -1.81
C GLY A 115 14.40 8.93 -1.43
N GLY A 116 14.43 9.63 -0.30
CA GLY A 116 13.24 10.29 0.19
C GLY A 116 12.22 9.37 0.80
N GLY A 117 12.63 8.16 1.20
CA GLY A 117 11.70 7.20 1.78
C GLY A 117 10.53 6.84 0.88
N GLN A 118 10.78 6.73 -0.41
CA GLN A 118 9.71 6.36 -1.33
C GLN A 118 9.75 4.87 -1.60
N ILE A 119 8.64 4.34 -2.12
CA ILE A 119 8.52 2.92 -2.43
C ILE A 119 8.74 2.73 -3.93
N MET A 120 9.70 1.90 -4.28
N MET A 120 9.73 1.93 -4.30
CA MET A 120 9.99 1.57 -5.67
CA MET A 120 9.97 1.64 -5.71
C MET A 120 9.06 0.46 -6.14
C MET A 120 9.08 0.48 -6.16
N LEU A 121 8.31 0.72 -7.22
CA LEU A 121 7.45 -0.28 -7.84
C LEU A 121 7.75 -0.33 -9.34
N ASN A 122 7.50 -1.49 -9.95
CA ASN A 122 7.67 -1.67 -11.39
C ASN A 122 6.35 -1.36 -12.10
N SER A 123 6.40 -0.51 -13.10
CA SER A 123 5.19 -0.16 -13.82
C SER A 123 4.57 -1.40 -14.46
N LEU A 124 3.24 -1.42 -14.52
CA LEU A 124 2.42 -2.49 -15.08
C LEU A 124 2.54 -3.80 -14.30
N HIS A 125 2.98 -3.77 -13.04
CA HIS A 125 2.91 -4.93 -12.16
C HIS A 125 1.92 -4.66 -11.04
N LYS A 126 1.27 -5.73 -10.58
CA LYS A 126 0.23 -5.64 -9.57
C LYS A 126 0.84 -5.84 -8.18
N TYR A 127 0.39 -5.05 -7.21
CA TYR A 127 0.91 -5.09 -5.84
C TYR A 127 -0.23 -5.02 -4.85
N GLU A 128 0.04 -5.49 -3.64
CA GLU A 128 -0.93 -5.41 -2.54
C GLU A 128 -0.24 -4.88 -1.29
N PRO A 129 -0.71 -3.75 -0.73
CA PRO A 129 -0.13 -3.23 0.51
C PRO A 129 -0.20 -4.24 1.65
N ARG A 130 0.80 -4.15 2.54
CA ARG A 130 0.93 -5.02 3.69
C ARG A 130 1.48 -4.18 4.84
N ILE A 131 0.84 -4.28 6.00
CA ILE A 131 1.23 -3.51 7.18
C ILE A 131 1.81 -4.46 8.21
N HIS A 132 2.88 -4.03 8.87
CA HIS A 132 3.57 -4.79 9.88
C HIS A 132 3.54 -4.00 11.18
N ILE A 133 3.27 -4.68 12.29
CA ILE A 133 3.35 -4.05 13.60
C ILE A 133 4.50 -4.68 14.35
N VAL A 134 5.41 -3.85 14.85
CA VAL A 134 6.62 -4.26 15.54
C VAL A 134 6.60 -3.67 16.94
N ARG A 135 6.87 -4.48 17.94
CA ARG A 135 6.85 -4.00 19.32
C ARG A 135 8.24 -3.50 19.73
N VAL A 136 8.30 -2.33 20.36
CA VAL A 136 9.57 -1.75 20.77
C VAL A 136 10.12 -2.51 21.97
N GLY A 137 11.42 -2.81 21.94
CA GLY A 137 12.08 -3.39 23.10
C GLY A 137 11.82 -4.86 23.33
N ASP A 138 11.34 -5.56 22.31
CA ASP A 138 10.92 -6.94 22.44
C ASP A 138 12.11 -7.84 22.13
N PRO A 139 12.64 -8.61 23.09
CA PRO A 139 13.78 -9.49 22.76
C PRO A 139 13.47 -10.54 21.71
N GLN A 140 12.20 -10.91 21.58
CA GLN A 140 11.74 -11.84 20.55
C GLN A 140 11.51 -11.16 19.19
N ARG A 141 11.58 -9.83 19.14
CA ARG A 141 11.44 -9.09 17.86
C ARG A 141 10.18 -9.52 17.12
N MET A 142 9.10 -9.69 17.88
CA MET A 142 7.86 -10.17 17.29
C MET A 142 7.32 -9.13 16.32
N ILE A 143 6.84 -9.59 15.17
CA ILE A 143 6.20 -8.72 14.20
C ILE A 143 4.92 -9.40 13.74
N THR A 144 3.89 -8.61 13.46
CA THR A 144 2.64 -9.12 12.91
C THR A 144 2.45 -8.47 11.55
N SER A 145 2.04 -9.27 10.58
N SER A 145 2.08 -9.27 10.55
CA SER A 145 1.86 -8.82 9.21
CA SER A 145 1.88 -8.76 9.21
C SER A 145 0.40 -8.96 8.81
C SER A 145 0.44 -8.96 8.79
N HIS A 146 -0.12 -7.97 8.10
CA HIS A 146 -1.52 -7.94 7.73
C HIS A 146 -1.64 -7.49 6.28
N CYS A 147 -2.38 -8.24 5.48
CA CYS A 147 -2.59 -7.97 4.06
C CYS A 147 -4.00 -7.42 3.84
N PHE A 148 -4.15 -6.64 2.77
CA PHE A 148 -5.40 -5.94 2.47
C PHE A 148 -5.80 -6.19 1.02
N PRO A 149 -6.59 -7.23 0.79
CA PRO A 149 -6.93 -7.62 -0.59
C PRO A 149 -7.68 -6.55 -1.35
N GLU A 150 -8.51 -5.77 -0.64
CA GLU A 150 -9.30 -4.71 -1.25
C GLU A 150 -8.44 -3.61 -1.85
N THR A 151 -7.17 -3.56 -1.49
CA THR A 151 -6.32 -2.45 -1.85
C THR A 151 -5.33 -2.81 -2.95
N GLN A 152 -5.46 -3.99 -3.57
CA GLN A 152 -4.62 -4.36 -4.69
C GLN A 152 -4.70 -3.30 -5.79
N PHE A 153 -3.58 -3.05 -6.45
CA PHE A 153 -3.58 -2.09 -7.55
C PHE A 153 -2.46 -2.45 -8.53
N ILE A 154 -2.58 -1.94 -9.76
CA ILE A 154 -1.50 -2.00 -10.73
C ILE A 154 -0.79 -0.66 -10.76
N ALA A 155 0.53 -0.70 -10.67
CA ALA A 155 1.37 0.49 -10.80
C ALA A 155 1.47 0.88 -12.26
N VAL A 156 1.32 2.17 -12.54
CA VAL A 156 1.25 2.69 -13.92
C VAL A 156 1.99 4.02 -13.98
N THR A 157 2.65 4.28 -15.12
CA THR A 157 3.14 5.64 -15.33
C THR A 157 2.03 6.57 -15.76
N ALA A 158 0.88 6.05 -16.14
CA ALA A 158 -0.28 6.86 -16.49
C ALA A 158 -1.50 5.96 -16.46
N TYR A 159 -2.65 6.54 -16.11
CA TYR A 159 -3.87 5.77 -16.05
C TYR A 159 -4.20 5.17 -17.41
N GLN A 160 -4.52 3.89 -17.40
CA GLN A 160 -4.95 3.21 -18.61
C GLN A 160 -6.46 3.26 -18.77
N ASN A 161 -7.19 3.05 -17.68
CA ASN A 161 -8.63 2.94 -17.70
C ASN A 161 -9.23 4.33 -17.48
N GLU A 162 -10.01 4.80 -18.46
CA GLU A 162 -10.59 6.13 -18.30
C GLU A 162 -11.59 6.19 -17.15
N GLU A 163 -12.18 5.05 -16.77
CA GLU A 163 -13.06 5.01 -15.60
C GLU A 163 -12.28 5.26 -14.30
N ILE A 164 -11.03 4.79 -14.25
CA ILE A 164 -10.18 5.08 -13.09
C ILE A 164 -9.83 6.56 -13.03
N THR A 165 -9.41 7.12 -14.17
CA THR A 165 -9.15 8.55 -14.25
C THR A 165 -10.33 9.35 -13.71
N ALA A 166 -11.54 8.97 -14.13
CA ALA A 166 -12.74 9.68 -13.71
C ALA A 166 -13.04 9.44 -12.23
N LEU A 167 -12.92 8.18 -11.79
CA LEU A 167 -13.14 7.87 -10.39
C LEU A 167 -12.21 8.65 -9.49
N LYS A 168 -10.93 8.72 -9.85
CA LYS A 168 -9.96 9.43 -9.01
C LYS A 168 -10.38 10.90 -8.86
N ILE A 169 -10.84 11.53 -9.94
CA ILE A 169 -11.29 12.92 -9.90
C ILE A 169 -12.56 13.03 -9.07
N LYS A 170 -13.50 12.10 -9.25
CA LYS A 170 -14.77 12.12 -8.54
C LYS A 170 -14.53 12.08 -7.03
N TYR A 171 -13.98 10.98 -6.51
CA TYR A 171 -13.90 10.77 -5.06
C TYR A 171 -12.74 11.52 -4.42
N ASN A 172 -12.00 12.33 -5.18
CA ASN A 172 -10.91 13.13 -4.63
C ASN A 172 -11.04 14.58 -5.08
#